data_5HD2
#
_entry.id   5HD2
#
_cell.length_a   55.567
_cell.length_b   55.567
_cell.length_c   208.962
_cell.angle_alpha   90.00
_cell.angle_beta   90.00
_cell.angle_gamma   90.00
#
_symmetry.space_group_name_H-M   'P 43 21 2'
#
loop_
_entity.id
_entity.type
_entity.pdbx_description
1 polymer 'Parasporal crystal protein'
2 water water
#
_entity_poly.entity_id   1
_entity_poly.type   'polypeptide(L)'
_entity_poly.pdbx_seq_one_letter_code
;(MSE)AILDLKSLV(MSE)NAINYWGPKNNNGIQGGDFGYPISEKQIDTSIITFTHPRLIPYDLTIPQNLETIFTTTQVL
TNNTDLQQSQTVSFAKKTTTTTSTSTTNGWTEGGKISDTLEEKVSVSIPFIGEGGGKNSTTIEANFAHNSSTTTFQQAST
DIEWNISQPVLVPPSKQVVATLVI(MSE)GGNFTIP(MSE)DL(MSE)TTIDSTEHYSHYSGYPILTWISSPDNSYSGPF
(MSE)SWYFANWPNLPSGFGPLNSDNTVTYTGSVVSQVSAGVYATVRFDQYDIHNLRTIEKTWYARHATLHNGKKISINN
VTE(MSE)APTSPIKTN
;
_entity_poly.pdbx_strand_id   A
#
# COMPACT_ATOMS: atom_id res chain seq x y z
N ALA A 2 16.00 10.78 -1.79
CA ALA A 2 16.95 10.49 -0.69
C ALA A 2 16.24 10.80 0.63
N ILE A 3 16.91 10.54 1.76
CA ILE A 3 16.32 10.94 3.05
C ILE A 3 16.80 12.35 3.44
N LEU A 4 15.90 13.32 3.31
CA LEU A 4 16.25 14.72 3.58
C LEU A 4 16.36 14.89 5.08
N ASP A 5 17.45 15.49 5.54
CA ASP A 5 17.54 15.93 6.95
C ASP A 5 17.01 17.35 7.13
N LEU A 6 15.97 17.46 7.95
CA LEU A 6 15.32 18.71 8.23
C LEU A 6 16.16 19.62 9.09
N LYS A 7 17.09 19.04 9.87
CA LYS A 7 17.93 19.83 10.78
C LYS A 7 18.87 20.66 9.94
N SER A 8 19.53 20.03 8.97
CA SER A 8 20.37 20.73 8.00
C SER A 8 19.67 21.88 7.27
N LEU A 9 18.54 21.58 6.60
CA LEU A 9 17.71 22.57 5.89
C LEU A 9 17.28 23.72 6.82
N VAL A 10 16.82 23.42 8.01
CA VAL A 10 16.48 24.49 8.94
C VAL A 10 17.75 25.37 9.18
N MSE A 11 18.87 24.74 9.51
CA MSE A 11 20.13 25.42 9.70
C MSE A 11 20.52 26.22 8.45
O MSE A 11 21.03 27.35 8.61
CB MSE A 11 21.23 24.41 10.01
CG MSE A 11 22.17 24.80 11.14
SE MSE A 11 23.19 23.16 11.56
CE MSE A 11 24.65 23.38 10.22
N ASN A 12 20.33 25.66 7.25
CA ASN A 12 20.60 26.43 6.02
C ASN A 12 19.69 27.66 5.92
N ALA A 13 18.40 27.48 6.24
CA ALA A 13 17.46 28.61 6.20
C ALA A 13 17.82 29.71 7.24
N ILE A 14 18.18 29.28 8.44
CA ILE A 14 18.48 30.20 9.50
C ILE A 14 19.70 31.01 9.11
N ASN A 15 20.71 30.31 8.61
CA ASN A 15 21.92 30.98 8.13
C ASN A 15 21.71 31.83 6.90
N TYR A 16 20.71 31.54 6.09
CA TYR A 16 20.35 32.47 4.99
C TYR A 16 19.66 33.73 5.51
N TRP A 17 18.66 33.59 6.38
CA TRP A 17 17.95 34.80 6.80
C TRP A 17 18.77 35.64 7.77
N GLY A 18 19.59 34.98 8.58
CA GLY A 18 20.27 35.64 9.70
C GLY A 18 20.78 37.04 9.40
N PRO A 19 21.81 37.14 8.52
CA PRO A 19 22.44 38.44 8.25
C PRO A 19 21.49 39.43 7.64
N LYS A 20 20.37 38.97 7.11
CA LYS A 20 19.48 39.84 6.32
C LYS A 20 18.39 40.49 7.19
N ASN A 21 17.73 39.70 8.04
CA ASN A 21 16.71 40.25 8.94
C ASN A 21 16.78 39.65 10.32
N ASN A 22 17.80 38.86 10.60
CA ASN A 22 17.95 38.19 11.89
C ASN A 22 16.80 37.23 12.12
N ASN A 23 16.31 36.62 11.05
CA ASN A 23 15.18 35.69 11.19
C ASN A 23 13.94 36.34 11.86
N GLY A 24 13.75 37.66 11.72
CA GLY A 24 12.65 38.39 12.38
C GLY A 24 12.75 38.55 13.92
N ILE A 25 13.87 38.12 14.49
CA ILE A 25 14.09 38.22 15.92
C ILE A 25 14.56 39.65 16.16
N GLN A 26 13.97 40.28 17.17
CA GLN A 26 14.24 41.69 17.49
C GLN A 26 15.39 41.81 18.52
N GLY A 27 16.56 42.18 18.00
CA GLY A 27 17.78 42.27 18.81
C GLY A 27 18.52 40.96 18.95
N GLY A 28 19.76 41.05 19.43
CA GLY A 28 20.51 39.86 19.82
C GLY A 28 21.64 39.67 18.86
N ASP A 29 22.73 39.08 19.35
CA ASP A 29 23.86 38.73 18.49
C ASP A 29 23.93 37.21 18.48
N PHE A 30 23.24 36.64 17.51
CA PHE A 30 23.49 35.27 17.15
C PHE A 30 24.65 35.49 16.19
N GLY A 31 25.67 34.65 16.32
CA GLY A 31 26.83 34.81 15.49
C GLY A 31 26.63 33.94 14.27
N TYR A 32 26.26 34.56 13.15
CA TYR A 32 26.04 33.86 11.89
C TYR A 32 27.33 33.69 11.09
N PRO A 33 27.52 32.50 10.47
CA PRO A 33 26.64 31.35 10.48
C PRO A 33 26.63 30.69 11.87
N ILE A 34 25.54 30.00 12.21
CA ILE A 34 25.43 29.30 13.51
C ILE A 34 25.87 27.83 13.46
N SER A 35 26.30 27.32 14.61
CA SER A 35 26.63 25.90 14.74
C SER A 35 25.42 25.18 15.31
N GLU A 36 25.44 23.86 15.16
CA GLU A 36 24.26 23.02 15.36
C GLU A 36 24.01 22.82 16.83
N LYS A 37 24.75 23.56 17.66
CA LYS A 37 24.57 23.59 19.12
C LYS A 37 23.62 24.70 19.56
N GLN A 38 23.54 25.77 18.78
CA GLN A 38 22.59 26.87 19.02
C GLN A 38 21.12 26.49 18.75
N ILE A 39 20.91 25.23 18.34
CA ILE A 39 19.67 24.76 17.72
C ILE A 39 19.19 23.42 18.25
N ASP A 40 17.87 23.28 18.37
CA ASP A 40 17.23 22.02 18.80
C ASP A 40 15.92 21.82 18.01
N THR A 41 16.02 21.04 16.93
CA THR A 41 14.89 20.80 16.03
C THR A 41 14.02 19.63 16.51
N SER A 42 14.14 19.23 17.79
CA SER A 42 13.43 18.01 18.24
C SER A 42 12.00 18.30 18.56
N ILE A 43 11.66 19.57 18.51
CA ILE A 43 10.32 20.06 18.78
C ILE A 43 9.49 19.95 17.49
N ILE A 44 10.16 19.69 16.36
CA ILE A 44 9.44 19.52 15.09
C ILE A 44 8.59 18.23 15.04
N THR A 45 7.32 18.37 14.71
CA THR A 45 6.46 17.21 14.50
C THR A 45 6.14 16.94 13.03
N PHE A 46 6.05 15.67 12.70
CA PHE A 46 5.56 15.22 11.41
C PHE A 46 4.16 14.60 11.62
N THR A 47 3.15 15.17 10.99
CA THR A 47 1.87 14.45 10.85
C THR A 47 2.05 12.97 10.38
N HIS A 48 1.27 12.05 10.95
CA HIS A 48 1.30 10.67 10.44
C HIS A 48 0.97 10.71 8.95
N PRO A 49 1.82 10.07 8.16
CA PRO A 49 1.83 10.18 6.71
C PRO A 49 0.55 9.65 6.08
N ARG A 50 0.10 10.35 5.07
CA ARG A 50 -0.87 9.86 4.12
C ARG A 50 -0.13 9.14 2.96
N LEU A 51 -0.66 7.98 2.59
CA LEU A 51 -0.09 7.15 1.56
C LEU A 51 -1.04 7.24 0.43
N ILE A 52 -0.59 7.73 -0.72
CA ILE A 52 -1.48 7.78 -1.86
C ILE A 52 -0.98 6.85 -2.97
N PRO A 53 -1.65 5.70 -3.10
CA PRO A 53 -1.25 4.70 -4.08
C PRO A 53 -1.52 5.23 -5.45
N TYR A 54 -0.57 5.06 -6.33
CA TYR A 54 -0.88 5.17 -7.74
C TYR A 54 -1.70 3.94 -8.22
N ASP A 55 -2.78 4.16 -8.98
CA ASP A 55 -3.66 3.07 -9.43
C ASP A 55 -3.08 2.35 -10.67
N LEU A 56 -2.39 1.23 -10.49
CA LEU A 56 -1.92 0.40 -11.61
C LEU A 56 -2.93 0.25 -12.75
N THR A 57 -2.43 0.40 -13.97
CA THR A 57 -3.28 0.41 -15.15
C THR A 57 -3.00 -0.79 -16.12
N ILE A 58 -1.76 -1.21 -16.23
CA ILE A 58 -1.33 -2.22 -17.16
C ILE A 58 -1.51 -3.62 -16.57
N PRO A 59 -2.50 -4.39 -17.11
CA PRO A 59 -2.76 -5.79 -16.70
C PRO A 59 -1.54 -6.68 -16.58
N GLN A 60 -1.48 -7.46 -15.52
CA GLN A 60 -0.35 -8.39 -15.32
C GLN A 60 -0.71 -9.84 -15.33
N ASN A 61 0.29 -10.64 -15.64
CA ASN A 61 0.23 -12.08 -15.61
C ASN A 61 0.31 -12.60 -14.21
N LEU A 62 -0.46 -13.65 -13.99
CA LEU A 62 -0.52 -14.38 -12.76
C LEU A 62 0.11 -15.74 -12.93
N GLU A 63 0.41 -16.38 -11.81
CA GLU A 63 0.84 -17.74 -11.80
C GLU A 63 0.12 -18.41 -10.64
N THR A 64 0.14 -19.75 -10.65
CA THR A 64 -0.52 -20.62 -9.66
C THR A 64 0.24 -20.58 -8.36
N ILE A 65 -0.43 -20.07 -7.34
CA ILE A 65 0.27 -20.03 -6.03
C ILE A 65 -0.26 -21.11 -5.05
N PHE A 66 -1.36 -21.77 -5.43
CA PHE A 66 -1.94 -22.86 -4.64
C PHE A 66 -2.93 -23.69 -5.45
N THR A 67 -2.79 -25.01 -5.29
CA THR A 67 -3.69 -25.97 -5.86
C THR A 67 -3.98 -27.06 -4.85
N THR A 68 -5.28 -27.38 -4.68
CA THR A 68 -5.67 -28.54 -3.87
C THR A 68 -6.93 -29.24 -4.42
N THR A 69 -7.20 -30.43 -3.88
CA THR A 69 -8.27 -31.30 -4.39
C THR A 69 -9.26 -31.77 -3.30
N GLN A 70 -10.55 -31.88 -3.65
CA GLN A 70 -11.49 -32.67 -2.83
C GLN A 70 -12.08 -33.79 -3.72
N VAL A 71 -12.32 -34.96 -3.16
CA VAL A 71 -12.85 -36.07 -3.96
C VAL A 71 -14.25 -36.37 -3.49
N LEU A 72 -15.22 -36.33 -4.40
CA LEU A 72 -16.62 -36.66 -4.10
C LEU A 72 -17.04 -37.97 -4.80
N THR A 73 -17.61 -38.89 -4.05
CA THR A 73 -17.94 -40.17 -4.67
C THR A 73 -19.44 -40.49 -4.43
N ASN A 74 -20.11 -40.98 -5.47
CA ASN A 74 -21.46 -41.51 -5.30
C ASN A 74 -21.53 -43.00 -5.67
N ASN A 75 -21.41 -43.91 -4.72
CA ASN A 75 -21.62 -45.34 -5.06
C ASN A 75 -23.02 -45.82 -4.65
N THR A 76 -24.02 -44.99 -4.94
CA THR A 76 -25.43 -45.22 -4.59
C THR A 76 -26.15 -45.39 -5.90
N ASP A 77 -27.48 -45.53 -5.83
CA ASP A 77 -28.33 -45.79 -7.01
C ASP A 77 -28.89 -44.52 -7.63
N LEU A 78 -28.91 -43.43 -6.84
CA LEU A 78 -29.53 -42.16 -7.23
C LEU A 78 -28.54 -40.98 -7.26
N GLN A 79 -28.80 -40.04 -8.18
CA GLN A 79 -28.20 -38.70 -8.23
C GLN A 79 -28.13 -38.11 -6.81
N GLN A 80 -26.96 -37.60 -6.41
CA GLN A 80 -26.80 -37.01 -5.08
C GLN A 80 -26.38 -35.56 -5.17
N SER A 81 -26.80 -34.76 -4.20
CA SER A 81 -26.41 -33.36 -4.19
C SER A 81 -25.42 -33.22 -3.07
N GLN A 82 -24.18 -32.94 -3.46
CA GLN A 82 -23.05 -32.86 -2.57
C GLN A 82 -22.44 -31.44 -2.68
N THR A 83 -22.11 -30.83 -1.54
CA THR A 83 -21.51 -29.49 -1.61
C THR A 83 -20.00 -29.59 -1.54
N VAL A 84 -19.31 -28.89 -2.43
CA VAL A 84 -17.86 -28.77 -2.30
C VAL A 84 -17.56 -27.42 -1.64
N SER A 85 -16.65 -27.48 -0.68
CA SER A 85 -16.39 -26.45 0.30
C SER A 85 -14.90 -26.38 0.43
N PHE A 86 -14.33 -25.23 0.11
CA PHE A 86 -12.92 -25.01 0.37
C PHE A 86 -12.84 -23.80 1.28
N ALA A 87 -11.96 -23.87 2.27
CA ALA A 87 -11.56 -22.72 3.10
C ALA A 87 -10.04 -22.66 3.23
N LYS A 88 -9.41 -21.74 2.51
CA LYS A 88 -7.96 -21.69 2.52
C LYS A 88 -7.46 -20.31 2.91
N LYS A 89 -6.62 -20.29 3.93
CA LYS A 89 -5.96 -19.08 4.40
C LYS A 89 -4.68 -18.91 3.61
N THR A 90 -4.51 -17.76 2.98
CA THR A 90 -3.25 -17.38 2.43
C THR A 90 -2.81 -16.04 3.05
N THR A 91 -1.58 -15.64 2.71
CA THR A 91 -1.08 -14.39 3.22
C THR A 91 -0.43 -13.53 2.17
N THR A 92 -1.16 -12.49 1.86
CA THR A 92 -0.70 -11.35 1.12
C THR A 92 0.44 -10.68 1.90
N THR A 93 1.53 -10.46 1.17
CA THR A 93 2.78 -9.92 1.68
C THR A 93 3.12 -8.60 0.91
N THR A 94 3.55 -7.55 1.64
CA THR A 94 4.04 -6.29 1.04
C THR A 94 5.37 -5.88 1.64
N SER A 95 6.32 -5.46 0.81
CA SER A 95 7.56 -4.93 1.33
C SER A 95 7.74 -3.54 0.77
N THR A 96 8.14 -2.55 1.59
CA THR A 96 8.12 -1.14 1.14
C THR A 96 9.43 -0.39 1.44
N SER A 97 10.04 0.24 0.43
CA SER A 97 11.17 1.10 0.64
C SER A 97 10.83 2.53 0.24
N THR A 98 11.39 3.48 1.00
CA THR A 98 11.31 4.92 0.71
C THR A 98 12.30 5.31 -0.37
N THR A 99 11.85 6.14 -1.29
CA THR A 99 12.66 6.74 -2.31
C THR A 99 13.01 8.14 -1.84
N ASN A 100 12.03 8.85 -1.34
CA ASN A 100 12.16 10.27 -0.97
C ASN A 100 11.53 10.36 0.38
N GLY A 101 12.36 10.44 1.42
CA GLY A 101 11.85 10.50 2.81
C GLY A 101 12.40 11.67 3.61
N TRP A 102 12.13 11.70 4.89
CA TRP A 102 12.62 12.84 5.68
C TRP A 102 12.92 12.33 7.05
N THR A 103 13.93 12.96 7.64
CA THR A 103 14.08 12.90 9.06
C THR A 103 14.54 14.24 9.70
N GLU A 104 14.72 14.19 11.00
CA GLU A 104 15.15 15.34 11.73
C GLU A 104 16.43 14.92 12.47
N GLY A 105 17.56 15.47 12.04
CA GLY A 105 18.85 15.16 12.69
C GLY A 105 19.22 13.66 12.66
N GLY A 106 19.04 13.06 11.48
CA GLY A 106 19.43 11.66 11.24
C GLY A 106 18.66 10.61 12.01
N LYS A 107 17.71 11.02 12.85
CA LYS A 107 16.91 10.07 13.60
C LYS A 107 16.21 9.04 12.68
N ILE A 108 15.94 7.84 13.23
CA ILE A 108 15.16 6.77 12.55
C ILE A 108 13.84 6.59 13.33
N SER A 109 12.75 7.01 12.72
CA SER A 109 11.42 6.98 13.34
C SER A 109 10.92 5.54 13.38
N ASP A 110 9.73 5.35 13.93
CA ASP A 110 9.20 4.02 14.09
C ASP A 110 8.25 3.66 12.91
N THR A 111 8.64 2.62 12.17
CA THR A 111 7.76 1.96 11.16
C THR A 111 6.28 1.96 11.55
N LEU A 112 5.44 2.51 10.67
CA LEU A 112 3.96 2.51 10.82
C LEU A 112 3.29 1.56 9.82
N GLU A 113 2.06 1.12 10.10
CA GLU A 113 1.36 0.12 9.30
C GLU A 113 -0.13 0.42 9.20
N GLU A 114 -0.62 0.51 7.95
CA GLU A 114 -2.03 0.79 7.61
C GLU A 114 -2.60 -0.01 6.39
N LYS A 115 -3.92 -0.04 6.29
CA LYS A 115 -4.58 -0.68 5.14
C LYS A 115 -4.71 0.31 4.02
N VAL A 116 -4.27 -0.14 2.84
CA VAL A 116 -4.37 0.62 1.62
C VAL A 116 -5.12 -0.22 0.54
N SER A 117 -6.10 0.44 -0.08
CA SER A 117 -6.82 -0.11 -1.21
C SER A 117 -6.01 0.19 -2.43
N VAL A 118 -5.72 -0.87 -3.20
CA VAL A 118 -4.89 -0.76 -4.34
C VAL A 118 -5.53 -1.47 -5.57
N SER A 119 -5.34 -0.86 -6.73
CA SER A 119 -5.79 -1.36 -8.02
C SER A 119 -4.87 -2.47 -8.62
N ILE A 120 -5.49 -3.53 -9.08
CA ILE A 120 -4.77 -4.73 -9.50
C ILE A 120 -5.40 -5.08 -10.82
N PRO A 121 -4.78 -4.71 -11.93
CA PRO A 121 -5.28 -5.20 -13.22
C PRO A 121 -4.56 -6.47 -13.58
N PHE A 122 -5.31 -7.47 -14.05
CA PHE A 122 -4.74 -8.79 -14.24
C PHE A 122 -5.27 -9.54 -15.45
N ILE A 123 -4.43 -10.46 -15.89
CA ILE A 123 -4.64 -11.24 -17.10
C ILE A 123 -5.07 -12.64 -16.72
N GLY A 124 -6.32 -12.96 -17.03
CA GLY A 124 -6.86 -14.30 -16.88
C GLY A 124 -6.11 -15.32 -17.75
N GLU A 125 -6.41 -16.60 -17.49
CA GLU A 125 -5.77 -17.69 -18.21
C GLU A 125 -5.98 -17.62 -19.72
N GLY A 126 -7.12 -17.22 -20.22
CA GLY A 126 -7.07 -17.05 -21.72
C GLY A 126 -6.42 -15.75 -22.26
N GLY A 127 -5.85 -14.92 -21.38
CA GLY A 127 -5.37 -13.65 -21.86
C GLY A 127 -6.44 -12.57 -21.74
N GLY A 128 -7.62 -12.89 -21.21
CA GLY A 128 -8.64 -11.88 -20.86
C GLY A 128 -8.15 -10.83 -19.81
N LYS A 129 -8.69 -9.64 -19.88
CA LYS A 129 -8.17 -8.55 -19.10
C LYS A 129 -9.19 -8.17 -18.10
N ASN A 130 -8.78 -8.08 -16.84
CA ASN A 130 -9.68 -7.79 -15.72
C ASN A 130 -9.11 -6.73 -14.77
N SER A 131 -9.99 -6.22 -13.92
CA SER A 131 -9.75 -5.10 -13.02
C SER A 131 -10.36 -5.52 -11.69
N THR A 132 -9.56 -5.45 -10.63
CA THR A 132 -10.05 -5.56 -9.27
C THR A 132 -9.25 -4.62 -8.36
N THR A 133 -9.62 -4.61 -7.08
CA THR A 133 -8.95 -3.84 -6.02
C THR A 133 -8.53 -4.77 -4.89
N ILE A 134 -7.41 -4.47 -4.29
CA ILE A 134 -6.94 -5.26 -3.19
C ILE A 134 -6.61 -4.39 -1.99
N GLU A 135 -7.16 -4.77 -0.84
CA GLU A 135 -6.88 -4.17 0.47
C GLU A 135 -5.75 -4.93 1.17
N ALA A 136 -4.65 -4.25 1.43
CA ALA A 136 -3.57 -4.87 2.15
C ALA A 136 -2.92 -3.94 3.21
N ASN A 137 -2.26 -4.57 4.19
CA ASN A 137 -1.39 -3.92 5.12
C ASN A 137 -0.07 -3.59 4.52
N PHE A 138 0.23 -2.29 4.67
CA PHE A 138 1.49 -1.72 4.27
C PHE A 138 2.21 -1.14 5.51
N ALA A 139 3.48 -1.55 5.67
CA ALA A 139 4.42 -0.90 6.59
C ALA A 139 5.30 0.07 5.80
N HIS A 140 5.47 1.27 6.38
CA HIS A 140 6.40 2.28 5.89
C HIS A 140 7.22 3.04 6.98
N ASN A 141 8.43 3.40 6.59
CA ASN A 141 9.30 4.24 7.37
C ASN A 141 9.84 5.35 6.51
N SER A 142 9.32 6.57 6.72
CA SER A 142 9.86 7.79 6.05
C SER A 142 11.36 8.06 6.24
N SER A 143 11.98 7.50 7.31
CA SER A 143 13.40 7.74 7.59
C SER A 143 14.48 6.80 7.06
N THR A 144 14.12 5.60 6.56
CA THR A 144 15.14 4.79 5.83
C THR A 144 14.63 4.32 4.49
N THR A 145 15.59 4.01 3.63
CA THR A 145 15.38 3.24 2.41
C THR A 145 15.15 1.76 2.69
N THR A 146 15.48 1.30 3.91
CA THR A 146 15.31 -0.10 4.30
C THR A 146 13.87 -0.60 4.10
N PHE A 147 13.75 -1.83 3.57
CA PHE A 147 12.44 -2.46 3.25
C PHE A 147 11.62 -2.75 4.48
N GLN A 148 10.36 -2.36 4.48
CA GLN A 148 9.51 -2.68 5.61
C GLN A 148 8.41 -3.64 5.16
N GLN A 149 8.31 -4.77 5.86
CA GLN A 149 7.42 -5.84 5.47
C GLN A 149 6.14 -5.78 6.28
N ALA A 150 5.05 -6.22 5.69
CA ALA A 150 3.78 -6.32 6.40
C ALA A 150 3.01 -7.50 5.80
N SER A 151 2.01 -7.97 6.50
CA SER A 151 1.33 -9.15 6.01
C SER A 151 -0.11 -9.06 6.41
N THR A 152 -0.94 -9.72 5.62
CA THR A 152 -2.38 -9.61 5.71
C THR A 152 -2.94 -10.99 5.44
N ASP A 153 -3.91 -11.39 6.26
CA ASP A 153 -4.42 -12.73 6.18
C ASP A 153 -5.73 -12.68 5.45
N ILE A 154 -5.83 -13.56 4.47
CA ILE A 154 -6.99 -13.61 3.60
C ILE A 154 -7.53 -15.02 3.69
N GLU A 155 -8.83 -15.19 3.83
CA GLU A 155 -9.37 -16.54 3.67
C GLU A 155 -10.16 -16.65 2.39
N TRP A 156 -9.93 -17.74 1.68
CA TRP A 156 -10.68 -18.00 0.50
C TRP A 156 -11.71 -19.03 0.95
N ASN A 157 -12.98 -18.65 0.83
CA ASN A 157 -14.09 -19.55 1.10
C ASN A 157 -14.88 -19.81 -0.14
N ILE A 158 -14.74 -21.00 -0.68
CA ILE A 158 -15.49 -21.28 -1.88
C ILE A 158 -16.37 -22.48 -1.61
N SER A 159 -17.68 -22.26 -1.69
CA SER A 159 -18.64 -23.34 -1.50
C SER A 159 -19.72 -23.30 -2.57
N GLN A 160 -19.97 -24.47 -3.15
CA GLN A 160 -21.11 -24.66 -4.04
C GLN A 160 -21.60 -26.12 -4.11
N PRO A 161 -22.87 -26.34 -4.56
CA PRO A 161 -23.38 -27.69 -4.69
C PRO A 161 -22.90 -28.34 -5.99
N VAL A 162 -22.60 -29.63 -5.93
CA VAL A 162 -22.25 -30.37 -7.11
C VAL A 162 -23.25 -31.50 -7.27
N LEU A 163 -23.59 -31.73 -8.51
CA LEU A 163 -24.50 -32.78 -8.98
C LEU A 163 -23.66 -34.00 -9.36
N VAL A 164 -23.65 -35.04 -8.51
CA VAL A 164 -22.84 -36.25 -8.76
C VAL A 164 -23.69 -37.48 -9.23
N PRO A 165 -23.53 -37.92 -10.49
CA PRO A 165 -24.36 -39.07 -10.93
C PRO A 165 -24.01 -40.38 -10.18
N PRO A 166 -24.90 -41.42 -10.27
CA PRO A 166 -24.62 -42.70 -9.58
C PRO A 166 -23.36 -43.38 -10.12
N SER A 167 -22.55 -43.89 -9.21
CA SER A 167 -21.24 -44.53 -9.53
C SER A 167 -20.27 -43.61 -10.29
N LYS A 168 -20.36 -42.31 -10.02
CA LYS A 168 -19.32 -41.44 -10.49
C LYS A 168 -18.44 -40.97 -9.33
N GLN A 169 -17.21 -40.65 -9.69
CA GLN A 169 -16.38 -39.83 -8.83
C GLN A 169 -16.17 -38.47 -9.44
N VAL A 170 -16.46 -37.41 -8.69
CA VAL A 170 -16.14 -36.06 -9.13
C VAL A 170 -14.96 -35.49 -8.35
N VAL A 171 -13.93 -35.04 -9.05
CA VAL A 171 -12.78 -34.48 -8.41
C VAL A 171 -12.84 -32.95 -8.61
N ALA A 172 -12.85 -32.23 -7.48
CA ALA A 172 -12.86 -30.76 -7.50
C ALA A 172 -11.46 -30.21 -7.23
N THR A 173 -10.95 -29.40 -8.16
CA THR A 173 -9.63 -28.81 -8.03
C THR A 173 -9.70 -27.28 -7.90
N LEU A 174 -9.27 -26.81 -6.72
CA LEU A 174 -9.19 -25.41 -6.38
C LEU A 174 -7.89 -24.93 -6.91
N VAL A 175 -7.93 -23.90 -7.74
CA VAL A 175 -6.68 -23.25 -8.14
C VAL A 175 -6.71 -21.76 -7.76
N ILE A 176 -5.62 -21.29 -7.11
CA ILE A 176 -5.51 -19.87 -6.72
C ILE A 176 -4.46 -19.24 -7.58
N MSE A 177 -4.84 -18.18 -8.30
CA MSE A 177 -3.86 -17.46 -9.16
C MSE A 177 -3.43 -16.17 -8.45
O MSE A 177 -4.26 -15.46 -7.88
CB MSE A 177 -4.47 -17.17 -10.52
CG MSE A 177 -5.00 -18.51 -11.22
SE MSE A 177 -3.48 -19.56 -11.77
CE MSE A 177 -2.84 -18.44 -13.24
N GLY A 178 -2.13 -15.90 -8.45
CA GLY A 178 -1.62 -14.68 -7.79
C GLY A 178 -0.41 -14.12 -8.48
N GLY A 179 -0.04 -12.89 -8.15
CA GLY A 179 1.12 -12.25 -8.77
C GLY A 179 1.90 -11.26 -7.92
N ASN A 180 2.80 -10.55 -8.59
CA ASN A 180 3.75 -9.68 -7.95
C ASN A 180 3.71 -8.35 -8.58
N PHE A 181 3.28 -7.37 -7.79
CA PHE A 181 3.00 -6.03 -8.25
C PHE A 181 3.85 -5.00 -7.49
N THR A 182 4.42 -4.08 -8.25
CA THR A 182 5.18 -2.94 -7.79
C THR A 182 4.32 -1.66 -7.79
N ILE A 183 3.82 -1.22 -6.63
CA ILE A 183 2.99 -0.01 -6.58
C ILE A 183 3.82 1.19 -6.06
N PRO A 184 4.07 2.22 -6.90
CA PRO A 184 4.66 3.44 -6.34
C PRO A 184 3.57 4.27 -5.63
N MSE A 185 3.89 4.84 -4.46
CA MSE A 185 2.96 5.67 -3.68
C MSE A 185 3.63 7.01 -3.27
O MSE A 185 4.80 7.02 -2.87
CB MSE A 185 2.50 4.93 -2.40
CG MSE A 185 2.27 3.44 -2.56
SE MSE A 185 1.23 2.70 -1.10
CE MSE A 185 0.80 0.92 -1.86
N ASP A 186 2.92 8.12 -3.39
CA ASP A 186 3.37 9.37 -2.81
C ASP A 186 3.14 9.21 -1.32
N LEU A 187 4.03 9.81 -0.52
CA LEU A 187 3.97 9.79 0.94
C LEU A 187 3.87 11.26 1.42
N MSE A 188 2.82 11.55 2.18
CA MSE A 188 2.41 12.92 2.47
C MSE A 188 2.51 13.25 3.96
O MSE A 188 1.89 12.57 4.80
CB MSE A 188 0.95 13.07 2.06
CG MSE A 188 0.69 13.13 0.56
SE MSE A 188 0.06 14.93 0.17
CE MSE A 188 -0.84 15.39 1.89
N THR A 189 3.25 14.31 4.31
CA THR A 189 3.29 14.74 5.72
C THR A 189 3.23 16.23 5.94
N THR A 190 2.76 16.60 7.12
CA THR A 190 2.57 18.00 7.47
C THR A 190 3.54 18.38 8.61
N ILE A 191 4.50 19.23 8.29
CA ILE A 191 5.47 19.72 9.29
C ILE A 191 4.86 20.72 10.22
N ASP A 192 4.77 20.36 11.50
CA ASP A 192 4.28 21.28 12.52
C ASP A 192 5.34 21.40 13.64
N SER A 193 4.91 21.84 14.83
CA SER A 193 5.80 21.91 15.97
C SER A 193 5.05 21.67 17.28
N THR A 194 5.75 21.21 18.33
CA THR A 194 5.15 21.13 19.66
C THR A 194 5.05 22.52 20.30
N GLU A 195 5.76 23.50 19.75
CA GLU A 195 5.74 24.89 20.26
C GLU A 195 5.43 25.90 19.16
N HIS A 196 4.64 26.92 19.51
CA HIS A 196 4.24 28.01 18.60
C HIS A 196 4.63 29.43 19.09
N TYR A 197 5.03 30.29 18.16
CA TYR A 197 5.00 31.72 18.43
C TYR A 197 3.77 32.29 17.76
N SER A 198 2.74 32.45 18.55
CA SER A 198 1.48 32.86 18.01
C SER A 198 1.49 34.35 18.10
N HIS A 199 0.67 34.83 19.02
CA HIS A 199 0.76 36.21 19.50
C HIS A 199 -0.08 37.20 18.61
N TYR A 200 0.08 37.13 17.29
CA TYR A 200 -0.81 37.84 16.35
C TYR A 200 -1.59 36.78 15.52
N SER A 201 -0.85 35.75 15.09
CA SER A 201 -1.41 34.47 14.63
C SER A 201 -0.34 33.39 14.91
N GLY A 202 -0.71 32.11 14.84
CA GLY A 202 0.20 31.02 15.23
C GLY A 202 1.17 30.52 14.17
N TYR A 203 2.47 30.51 14.48
CA TYR A 203 3.53 29.99 13.61
C TYR A 203 4.30 28.89 14.30
N PRO A 204 4.27 27.67 13.76
CA PRO A 204 5.12 26.66 14.35
C PRO A 204 6.56 27.20 14.51
N ILE A 205 7.20 26.81 15.59
CA ILE A 205 8.60 27.14 15.75
C ILE A 205 9.31 25.89 15.46
N LEU A 206 10.16 25.94 14.45
CA LEU A 206 10.90 24.77 14.05
C LEU A 206 12.10 24.59 14.97
N THR A 207 12.55 25.69 15.58
CA THR A 207 13.68 25.70 16.52
C THR A 207 13.84 27.08 17.16
N TRP A 208 14.02 27.08 18.47
CA TRP A 208 14.60 28.21 19.21
C TRP A 208 16.05 28.32 18.77
N ILE A 209 16.51 29.54 18.56
CA ILE A 209 17.93 29.79 18.24
C ILE A 209 18.55 30.40 19.49
N SER A 210 19.42 29.65 20.17
CA SER A 210 20.18 30.17 21.35
C SER A 210 21.36 31.12 21.00
N SER A 211 21.55 32.18 21.79
CA SER A 211 22.81 32.97 21.79
C SER A 211 24.05 32.07 21.91
N PRO A 212 25.23 32.50 21.39
CA PRO A 212 26.42 31.67 21.58
C PRO A 212 26.79 31.41 23.06
N ASP A 213 26.50 32.35 23.94
CA ASP A 213 26.83 32.21 25.36
C ASP A 213 25.70 31.49 26.06
N ASN A 214 24.59 31.38 25.31
CA ASN A 214 23.41 30.58 25.67
C ASN A 214 22.43 31.30 26.61
N SER A 215 22.70 32.58 26.90
CA SER A 215 21.91 33.31 27.91
C SER A 215 20.45 33.49 27.48
N TYR A 216 20.29 33.89 26.23
CA TYR A 216 18.99 34.14 25.65
C TYR A 216 18.80 33.43 24.30
N SER A 217 17.56 33.40 23.81
CA SER A 217 17.25 32.70 22.57
C SER A 217 16.19 33.45 21.76
N GLY A 218 15.92 32.98 20.55
CA GLY A 218 14.87 33.57 19.70
C GLY A 218 14.19 32.51 18.82
N PRO A 219 12.91 32.72 18.48
CA PRO A 219 12.25 31.60 17.78
C PRO A 219 12.41 31.66 16.25
N PHE A 220 12.59 30.49 15.64
CA PHE A 220 12.60 30.34 14.16
C PHE A 220 11.24 29.79 13.70
N MSE A 221 10.54 30.66 12.99
CA MSE A 221 9.16 30.41 12.63
C MSE A 221 9.09 29.80 11.23
O MSE A 221 9.98 30.03 10.39
CB MSE A 221 8.37 31.71 12.69
CG MSE A 221 8.28 32.29 14.11
SE MSE A 221 7.19 33.89 14.14
CE MSE A 221 8.66 35.22 14.33
N SER A 222 8.00 29.04 10.97
CA SER A 222 7.81 28.33 9.68
C SER A 222 7.74 29.32 8.54
N TRP A 223 7.30 30.53 8.81
CA TRP A 223 7.35 31.56 7.79
C TRP A 223 8.72 31.65 7.10
N TYR A 224 9.81 31.59 7.87
CA TYR A 224 11.12 31.81 7.25
C TYR A 224 11.59 30.61 6.49
N PHE A 225 11.10 29.46 6.91
CA PHE A 225 11.37 28.23 6.26
C PHE A 225 10.62 28.13 4.90
N ALA A 226 9.32 28.38 4.90
CA ALA A 226 8.52 28.37 3.67
C ALA A 226 8.91 29.42 2.66
N ASN A 227 9.49 30.53 3.10
CA ASN A 227 9.85 31.58 2.12
C ASN A 227 11.36 31.64 1.80
N TRP A 228 12.09 30.69 2.37
CA TRP A 228 13.49 30.47 2.06
C TRP A 228 13.66 30.09 0.57
N PRO A 229 14.36 30.94 -0.19
CA PRO A 229 14.49 30.87 -1.63
C PRO A 229 15.07 29.55 -2.20
N ASN A 230 15.67 28.70 -1.38
CA ASN A 230 16.17 27.39 -1.81
C ASN A 230 15.53 26.26 -1.03
N LEU A 231 14.35 26.53 -0.50
CA LEU A 231 13.57 25.49 0.05
C LEU A 231 13.44 24.47 -1.10
N PRO A 232 13.66 23.16 -0.78
CA PRO A 232 13.56 22.10 -1.79
C PRO A 232 12.17 21.91 -2.43
N SER A 233 12.17 21.19 -3.55
CA SER A 233 11.04 21.11 -4.46
C SER A 233 9.85 20.40 -3.82
N GLY A 234 10.10 19.43 -2.95
CA GLY A 234 9.00 18.65 -2.35
C GLY A 234 8.12 19.31 -1.29
N PHE A 235 8.54 20.46 -0.78
CA PHE A 235 7.78 21.18 0.24
C PHE A 235 6.72 21.97 -0.48
N GLY A 236 5.52 21.96 0.06
CA GLY A 236 4.45 22.80 -0.48
C GLY A 236 4.57 24.25 0.04
N PRO A 237 3.57 25.09 -0.27
CA PRO A 237 3.69 26.48 0.24
C PRO A 237 3.23 26.51 1.70
N LEU A 238 3.12 27.70 2.29
CA LEU A 238 2.60 27.79 3.65
C LEU A 238 1.12 27.48 3.61
N ASN A 239 0.66 26.54 4.43
CA ASN A 239 -0.79 26.28 4.58
C ASN A 239 -1.43 27.36 5.47
N SER A 240 -2.77 27.44 5.47
CA SER A 240 -3.57 28.42 6.23
C SER A 240 -3.28 28.35 7.73
N ASP A 241 -2.66 27.23 8.07
CA ASP A 241 -2.28 26.67 9.35
C ASP A 241 -0.89 27.14 9.80
N ASN A 242 -0.13 27.66 8.82
CA ASN A 242 1.32 27.95 8.91
C ASN A 242 2.25 26.75 9.00
N THR A 243 1.65 25.61 8.83
CA THR A 243 2.28 24.35 8.60
C THR A 243 2.84 24.27 7.18
N VAL A 244 3.79 23.36 6.93
CA VAL A 244 4.26 23.10 5.57
C VAL A 244 4.11 21.61 5.22
N THR A 245 3.48 21.35 4.06
CA THR A 245 3.30 19.96 3.55
C THR A 245 4.57 19.55 2.80
N TYR A 246 5.08 18.38 3.12
CA TYR A 246 6.13 17.81 2.28
C TYR A 246 5.54 16.55 1.58
N THR A 247 5.88 16.33 0.32
CA THR A 247 5.39 15.08 -0.29
C THR A 247 6.57 14.22 -0.72
N GLY A 248 6.73 13.06 -0.06
CA GLY A 248 7.81 12.14 -0.43
C GLY A 248 7.28 11.01 -1.32
N SER A 249 7.99 9.89 -1.32
CA SER A 249 7.70 8.69 -2.13
C SER A 249 8.06 7.38 -1.46
N VAL A 250 7.22 6.38 -1.69
CA VAL A 250 7.56 4.98 -1.43
C VAL A 250 7.46 4.17 -2.75
N VAL A 251 8.16 3.03 -2.79
CA VAL A 251 7.92 2.02 -3.80
C VAL A 251 7.62 0.71 -3.10
N SER A 252 6.41 0.21 -3.29
CA SER A 252 6.02 -1.00 -2.62
C SER A 252 5.95 -2.22 -3.56
N GLN A 253 6.21 -3.41 -3.03
CA GLN A 253 6.08 -4.66 -3.80
C GLN A 253 5.12 -5.55 -3.09
N VAL A 254 4.06 -5.98 -3.80
CA VAL A 254 2.93 -6.71 -3.22
C VAL A 254 2.88 -8.09 -3.86
N SER A 255 2.66 -9.11 -3.03
CA SER A 255 2.59 -10.42 -3.52
C SER A 255 1.32 -10.99 -2.94
N ALA A 256 0.33 -11.23 -3.81
CA ALA A 256 -1.01 -11.55 -3.37
C ALA A 256 -1.67 -12.57 -4.33
N GLY A 257 -2.52 -13.44 -3.80
CA GLY A 257 -3.42 -14.25 -4.66
C GLY A 257 -4.54 -13.34 -5.17
N VAL A 258 -4.92 -13.49 -6.44
CA VAL A 258 -5.90 -12.56 -6.99
C VAL A 258 -7.24 -13.23 -7.20
N TYR A 259 -7.19 -14.45 -7.70
CA TYR A 259 -8.49 -15.15 -7.95
C TYR A 259 -8.36 -16.65 -7.80
N ALA A 260 -9.47 -17.26 -7.42
CA ALA A 260 -9.55 -18.69 -7.30
C ALA A 260 -10.62 -19.27 -8.24
N THR A 261 -10.28 -20.39 -8.88
CA THR A 261 -11.30 -21.20 -9.60
C THR A 261 -11.35 -22.63 -9.06
N VAL A 262 -12.50 -23.26 -9.28
CA VAL A 262 -12.71 -24.73 -9.14
C VAL A 262 -13.07 -25.42 -10.47
N ARG A 263 -12.29 -26.44 -10.78
CA ARG A 263 -12.51 -27.28 -11.94
C ARG A 263 -13.06 -28.60 -11.43
N PHE A 264 -14.08 -29.11 -12.11
CA PHE A 264 -14.59 -30.46 -11.81
C PHE A 264 -14.19 -31.45 -12.86
N ASP A 265 -13.70 -32.61 -12.44
CA ASP A 265 -13.40 -33.71 -13.36
C ASP A 265 -14.20 -34.95 -12.94
N GLN A 266 -15.06 -35.43 -13.83
CA GLN A 266 -15.86 -36.63 -13.61
C GLN A 266 -15.21 -37.92 -14.16
N TYR A 267 -15.28 -38.98 -13.36
CA TYR A 267 -14.77 -40.29 -13.73
C TYR A 267 -15.88 -41.30 -13.42
N ASP A 268 -15.78 -42.49 -14.02
CA ASP A 268 -16.64 -43.59 -13.59
C ASP A 268 -15.86 -44.31 -12.57
N ILE A 269 -16.51 -44.66 -11.48
CA ILE A 269 -15.82 -45.25 -10.37
C ILE A 269 -15.12 -46.55 -10.75
N HIS A 270 -15.58 -47.25 -11.80
CA HIS A 270 -14.87 -48.47 -12.24
C HIS A 270 -13.73 -48.32 -13.28
N ASN A 271 -13.60 -47.17 -13.93
CA ASN A 271 -12.24 -46.74 -14.37
C ASN A 271 -11.75 -45.29 -14.10
N LEU A 272 -10.95 -45.20 -13.06
CA LEU A 272 -10.53 -43.92 -12.52
C LEU A 272 -9.31 -43.32 -13.25
N ARG A 273 -8.83 -44.01 -14.28
CA ARG A 273 -7.78 -43.50 -15.15
C ARG A 273 -8.28 -42.49 -16.16
N THR A 274 -9.59 -42.49 -16.43
CA THR A 274 -10.10 -41.69 -17.55
C THR A 274 -11.18 -40.70 -17.17
N ILE A 275 -10.92 -39.42 -17.45
CA ILE A 275 -11.91 -38.37 -17.27
C ILE A 275 -13.02 -38.46 -18.31
N GLU A 276 -14.25 -38.63 -17.84
CA GLU A 276 -15.44 -38.56 -18.68
C GLU A 276 -15.82 -37.14 -19.14
N LYS A 277 -15.61 -36.17 -18.24
CA LYS A 277 -16.31 -34.88 -18.34
C LYS A 277 -15.61 -33.86 -17.42
N THR A 278 -15.02 -32.82 -17.99
CA THR A 278 -14.44 -31.71 -17.23
C THR A 278 -15.28 -30.45 -17.41
N TRP A 279 -15.55 -29.74 -16.32
CA TRP A 279 -16.26 -28.45 -16.37
C TRP A 279 -15.81 -27.54 -15.20
N TYR A 280 -16.11 -26.24 -15.30
CA TYR A 280 -15.75 -25.27 -14.27
C TYR A 280 -16.93 -24.81 -13.43
N ALA A 281 -16.67 -24.51 -12.15
CA ALA A 281 -17.63 -23.72 -11.38
C ALA A 281 -17.89 -22.43 -12.18
N ARG A 282 -19.10 -21.90 -12.13
CA ARG A 282 -19.54 -20.80 -12.98
C ARG A 282 -18.86 -19.46 -12.64
N HIS A 283 -18.19 -19.45 -11.50
CA HIS A 283 -17.68 -18.23 -10.97
C HIS A 283 -16.33 -18.47 -10.40
N ALA A 284 -15.44 -17.51 -10.65
CA ALA A 284 -14.17 -17.46 -9.95
C ALA A 284 -14.35 -16.47 -8.82
N THR A 285 -13.54 -16.61 -7.79
CA THR A 285 -13.65 -15.81 -6.59
C THR A 285 -12.44 -14.94 -6.46
N LEU A 286 -12.65 -13.67 -6.24
CA LEU A 286 -11.54 -12.72 -6.09
C LEU A 286 -10.95 -12.65 -4.66
N HIS A 287 -9.74 -12.12 -4.54
CA HIS A 287 -9.09 -11.84 -3.25
C HIS A 287 -10.07 -11.13 -2.27
N ASN A 288 -10.82 -10.14 -2.77
CA ASN A 288 -11.69 -9.29 -1.94
C ASN A 288 -13.01 -9.94 -1.70
N GLY A 289 -13.10 -11.24 -1.99
CA GLY A 289 -14.36 -12.01 -1.87
C GLY A 289 -15.40 -11.97 -3.00
N LYS A 290 -15.30 -11.06 -3.96
CA LYS A 290 -16.30 -11.02 -5.01
C LYS A 290 -16.23 -12.21 -5.97
N LYS A 291 -17.35 -12.43 -6.63
CA LYS A 291 -17.53 -13.45 -7.66
C LYS A 291 -17.65 -12.80 -9.03
N ILE A 292 -16.80 -13.25 -9.97
CA ILE A 292 -16.86 -12.90 -11.37
C ILE A 292 -17.04 -14.15 -12.26
N SER A 293 -17.55 -13.96 -13.49
CA SER A 293 -17.80 -15.06 -14.41
C SER A 293 -16.52 -15.74 -14.77
N ILE A 294 -16.56 -17.06 -14.83
CA ILE A 294 -15.39 -17.88 -15.19
C ILE A 294 -14.88 -17.58 -16.57
N ASN A 295 -15.73 -17.05 -17.45
CA ASN A 295 -15.26 -16.66 -18.78
C ASN A 295 -14.24 -15.53 -18.78
N ASN A 296 -14.20 -14.73 -17.69
CA ASN A 296 -13.25 -13.58 -17.65
C ASN A 296 -11.86 -14.05 -17.42
N VAL A 297 -11.72 -15.27 -16.87
CA VAL A 297 -10.43 -15.79 -16.47
C VAL A 297 -10.00 -17.14 -17.07
N THR A 298 -10.90 -17.80 -17.82
CA THR A 298 -10.51 -18.93 -18.66
C THR A 298 -10.66 -18.62 -20.16
N GLU A 299 -10.25 -19.59 -20.97
CA GLU A 299 -10.26 -19.50 -22.48
C GLU A 299 -11.65 -19.69 -23.20
N MSE A 300 -12.72 -19.84 -22.42
CA MSE A 300 -14.06 -19.89 -22.91
C MSE A 300 -14.65 -18.50 -23.00
O MSE A 300 -14.64 -17.77 -22.03
CB MSE A 300 -14.90 -20.74 -21.96
CG MSE A 300 -14.46 -22.21 -21.87
SE MSE A 300 -14.97 -23.09 -20.17
CE MSE A 300 -16.92 -22.72 -20.19
N ALA A 301 -15.17 -18.15 -24.18
CA ALA A 301 -15.99 -16.95 -24.38
C ALA A 301 -17.45 -17.20 -24.01
N PRO A 302 -18.13 -16.20 -23.40
CA PRO A 302 -19.53 -16.38 -23.18
C PRO A 302 -20.34 -16.51 -24.49
N THR A 303 -21.60 -16.93 -24.36
CA THR A 303 -22.38 -17.48 -25.45
C THR A 303 -23.89 -17.35 -25.28
N SER A 304 -24.57 -17.06 -26.37
CA SER A 304 -26.02 -16.91 -26.35
C SER A 304 -26.70 -17.59 -27.54
N PRO A 305 -27.96 -18.03 -27.39
CA PRO A 305 -28.75 -18.48 -28.55
C PRO A 305 -29.27 -17.29 -29.33
N ILE A 306 -30.00 -17.56 -30.39
CA ILE A 306 -30.78 -16.54 -31.09
C ILE A 306 -32.06 -16.20 -30.32
N LYS A 307 -32.62 -15.02 -30.56
CA LYS A 307 -34.00 -14.71 -30.13
C LYS A 307 -34.87 -14.31 -31.32
N THR A 308 -35.91 -15.12 -31.58
CA THR A 308 -36.75 -14.97 -32.78
C THR A 308 -37.99 -14.10 -32.53
N ASN A 309 -37.78 -13.01 -31.78
CA ASN A 309 -38.74 -11.89 -31.69
C ASN A 309 -40.17 -12.24 -31.22
#